data_5E0O
#
_entry.id   5E0O
#
_cell.length_a   167.931
_cell.length_b   167.931
_cell.length_c   102.956
_cell.angle_alpha   90.000
_cell.angle_beta   90.000
_cell.angle_gamma   120.000
#
_symmetry.space_group_name_H-M   'P 64 2 2'
#
loop_
_entity.id
_entity.type
_entity.pdbx_description
1 polymer Trehalose-phosphatase
2 non-polymer 'MAGNESIUM ION'
3 non-polymer 'SULFATE ION'
4 non-polymer DI(HYDROXYETHYL)ETHER
5 water water
#
_entity_poly.entity_id   1
_entity_poly.type   'polypeptide(L)'
_entity_poly.pdbx_seq_one_letter_code
;MGSSHHHHHHSSGLVPRGSHMASMTGGQQMGRGSMTETVTDQGKQRSSKLQKNEAAKDEQVEGKGKETLESGTDKSAEQN
SSLLVGQPDVIDNDNVQTVDDFKNLMYKMQETRRAIVFALLNEKDLTKDDVEILKRAYEKLTDNQTHSFQREMCTLTTKL
SVNIGDETRGLEKDLKYLDALMNIRREEPNLLWPIIMSRVDLFSILANYHPKGKETFLKEYEDTVKFLKTFISSEAITGK
KPIFITDWDGTMKDYCSQYATNLQPVYSAVGMTRFAASFTRISAVLTAGPLRGPGILDLTAMPIDGPVMFSGSWGREWWL
SGKRVVHQDGITDEGFNALQRLDDEMKDLLHTSDYAPFALVGSGVQRKVDRLTLGVQTVCHHVTSELSNRYQMAVKERMH
RVDPNSQILVFDPSTELEVEVVAHNSGIIWNKGNGVERLIKSLGDSLQSPGKILICGDTLSDIPMVRQAVKQNPDGVLAI
FVGAKMSLREEVKQVIGDESRCCFVSCPDVIHAAMSQILNEHCIGK
;
_entity_poly.pdbx_strand_id   A
#
# COMPACT_ATOMS: atom_id res chain seq x y z
N GLN A 97 19.43 1.59 17.66
CA GLN A 97 20.49 2.44 17.12
C GLN A 97 20.99 1.93 15.77
N THR A 98 20.98 0.61 15.61
CA THR A 98 21.48 -0.01 14.38
C THR A 98 20.36 -0.32 13.40
N VAL A 99 20.69 -1.03 12.34
CA VAL A 99 19.74 -1.34 11.27
C VAL A 99 18.75 -2.42 11.69
N ASP A 100 19.27 -3.58 12.09
CA ASP A 100 18.44 -4.73 12.44
C ASP A 100 17.54 -4.44 13.65
N ASP A 101 18.02 -3.58 14.54
CA ASP A 101 17.21 -3.16 15.69
C ASP A 101 16.00 -2.38 15.22
N PHE A 102 16.22 -1.48 14.28
CA PHE A 102 15.16 -0.67 13.69
C PHE A 102 14.14 -1.56 12.95
N LYS A 103 14.65 -2.42 12.08
CA LYS A 103 13.81 -3.33 11.31
C LYS A 103 12.97 -4.23 12.23
N ASN A 104 13.62 -4.85 13.20
CA ASN A 104 12.93 -5.74 14.13
C ASN A 104 11.91 -5.01 14.99
N LEU A 105 12.23 -3.78 15.39
CA LEU A 105 11.30 -2.96 16.16
C LEU A 105 10.04 -2.69 15.34
N MET A 106 10.25 -2.22 14.10
CA MET A 106 9.14 -1.91 13.21
C MET A 106 8.28 -3.13 12.92
N TYR A 107 8.92 -4.27 12.65
CA TYR A 107 8.19 -5.49 12.34
C TYR A 107 7.41 -6.00 13.56
N LYS A 108 8.01 -5.88 14.74
CA LYS A 108 7.34 -6.27 15.97
C LYS A 108 6.10 -5.43 16.21
N MET A 109 6.24 -4.10 16.14
CA MET A 109 5.09 -3.23 16.36
C MET A 109 4.09 -3.37 15.23
N GLN A 110 4.51 -3.95 14.10
CA GLN A 110 3.62 -4.17 12.98
C GLN A 110 2.77 -5.43 13.17
N GLU A 111 3.37 -6.50 13.68
CA GLU A 111 2.59 -7.70 13.97
C GLU A 111 1.68 -7.40 15.16
N THR A 112 2.16 -6.56 16.07
CA THR A 112 1.34 -6.06 17.15
C THR A 112 0.18 -5.26 16.59
N ARG A 113 0.46 -4.45 15.56
CA ARG A 113 -0.57 -3.69 14.86
C ARG A 113 -1.64 -4.61 14.28
N ARG A 114 -1.20 -5.69 13.64
CA ARG A 114 -2.14 -6.65 13.07
C ARG A 114 -3.00 -7.29 14.16
N ALA A 115 -2.36 -7.59 15.28
CA ALA A 115 -3.09 -8.14 16.43
C ALA A 115 -4.18 -7.17 16.90
N ILE A 116 -3.81 -5.89 17.01
CA ILE A 116 -4.75 -4.85 17.43
C ILE A 116 -5.92 -4.70 16.46
N VAL A 117 -5.60 -4.71 15.16
CA VAL A 117 -6.61 -4.61 14.12
C VAL A 117 -7.59 -5.78 14.21
N PHE A 118 -7.05 -6.99 14.38
CA PHE A 118 -7.88 -8.16 14.54
C PHE A 118 -8.78 -8.05 15.78
N ALA A 119 -8.22 -7.49 16.85
CA ALA A 119 -8.98 -7.29 18.08
C ALA A 119 -10.10 -6.28 17.87
N LEU A 120 -9.88 -5.30 17.00
CA LEU A 120 -10.85 -4.25 16.75
C LEU A 120 -11.91 -4.67 15.73
N LEU A 121 -11.60 -5.72 14.95
CA LEU A 121 -12.51 -6.17 13.91
C LEU A 121 -13.28 -7.43 14.30
N ASN A 122 -13.02 -7.94 15.50
CA ASN A 122 -13.67 -9.16 15.96
C ASN A 122 -14.19 -9.06 17.39
N GLU A 123 -14.46 -7.83 17.82
CA GLU A 123 -15.03 -7.56 19.14
C GLU A 123 -14.22 -8.18 20.27
N LYS A 124 -12.89 -8.07 20.20
CA LYS A 124 -12.02 -8.56 21.25
C LYS A 124 -11.51 -7.39 22.08
N ASP A 125 -11.13 -7.68 23.32
CA ASP A 125 -10.62 -6.64 24.22
C ASP A 125 -9.33 -6.04 23.69
N LEU A 126 -9.16 -4.75 23.91
CA LEU A 126 -7.97 -4.04 23.45
C LEU A 126 -6.90 -4.03 24.53
N THR A 127 -5.86 -4.84 24.32
CA THR A 127 -4.76 -4.95 25.27
C THR A 127 -3.99 -3.65 25.40
N LYS A 128 -3.92 -3.11 26.61
CA LYS A 128 -3.23 -1.85 26.87
C LYS A 128 -1.72 -2.03 26.69
N ASP A 129 -1.25 -3.27 26.83
CA ASP A 129 0.17 -3.56 26.63
C ASP A 129 0.53 -3.52 25.14
N ASP A 130 -0.37 -3.99 24.29
CA ASP A 130 -0.16 -3.94 22.84
C ASP A 130 -0.09 -2.48 22.39
N VAL A 131 -0.91 -1.63 22.99
CA VAL A 131 -0.87 -0.20 22.74
C VAL A 131 0.44 0.38 23.27
N GLU A 132 0.87 -0.13 24.42
CA GLU A 132 2.11 0.30 25.05
C GLU A 132 3.30 -0.01 24.14
N ILE A 133 3.20 -1.09 23.37
CA ILE A 133 4.24 -1.43 22.40
C ILE A 133 4.40 -0.32 21.37
N LEU A 134 3.28 0.13 20.82
CA LEU A 134 3.28 1.21 19.85
C LEU A 134 3.78 2.50 20.48
N LYS A 135 3.42 2.69 21.76
CA LYS A 135 3.84 3.88 22.49
C LYS A 135 5.36 3.93 22.65
N ARG A 136 5.95 2.80 23.05
CA ARG A 136 7.39 2.71 23.20
C ARG A 136 8.09 2.85 21.84
N ALA A 137 7.46 2.27 20.81
CA ALA A 137 8.00 2.36 19.46
C ALA A 137 8.02 3.81 18.98
N TYR A 138 7.03 4.58 19.41
CA TYR A 138 6.94 5.99 19.07
C TYR A 138 7.95 6.81 19.87
N GLU A 139 8.12 6.48 21.14
CA GLU A 139 9.04 7.19 22.01
C GLU A 139 10.49 6.94 21.60
N LYS A 140 10.75 5.76 21.05
CA LYS A 140 12.09 5.37 20.64
C LYS A 140 12.55 6.16 19.42
N LEU A 141 11.59 6.55 18.58
CA LEU A 141 11.91 7.27 17.35
C LEU A 141 11.98 8.77 17.58
N THR A 142 11.67 9.21 18.80
CA THR A 142 11.70 10.63 19.14
C THR A 142 12.49 10.87 20.42
N ASP A 143 13.81 10.99 20.31
CA ASP A 143 14.66 11.23 21.47
C ASP A 143 15.98 11.91 21.11
N ASN A 144 16.75 11.30 20.21
CA ASN A 144 18.05 11.81 19.84
C ASN A 144 17.96 13.13 19.09
N PHE A 149 14.44 16.96 13.79
CA PHE A 149 15.57 16.10 13.48
C PHE A 149 15.10 14.72 13.03
N GLN A 150 16.04 13.92 12.53
CA GLN A 150 15.75 12.54 12.14
C GLN A 150 16.74 11.59 12.82
N ARG A 151 16.66 10.31 12.47
CA ARG A 151 17.54 9.32 13.09
C ARG A 151 18.50 8.69 12.07
N GLU A 152 19.67 8.29 12.57
CA GLU A 152 20.69 7.69 11.73
C GLU A 152 21.07 6.30 12.25
N MET A 153 20.84 5.28 11.44
CA MET A 153 21.21 3.92 11.81
C MET A 153 22.57 3.56 11.21
N CYS A 154 23.43 2.99 12.04
CA CYS A 154 24.79 2.63 11.61
C CYS A 154 25.07 1.16 11.86
N THR A 155 26.04 0.63 11.11
CA THR A 155 26.46 -0.76 11.25
C THR A 155 27.91 -0.83 11.73
N LEU A 156 28.63 -1.84 11.26
CA LEU A 156 30.04 -2.00 11.64
C LEU A 156 30.98 -1.58 10.52
N THR A 157 30.42 -0.93 9.49
CA THR A 157 31.23 -0.47 8.36
C THR A 157 30.83 0.93 7.92
N THR A 158 29.53 1.13 7.67
CA THR A 158 29.03 2.40 7.20
C THR A 158 27.95 2.97 8.12
N LYS A 159 27.44 4.15 7.77
CA LYS A 159 26.39 4.80 8.55
C LYS A 159 25.39 5.48 7.61
N LEU A 160 24.11 5.28 7.88
CA LEU A 160 23.07 5.82 7.00
C LEU A 160 22.07 6.69 7.77
N SER A 161 21.76 7.86 7.21
CA SER A 161 20.76 8.74 7.77
C SER A 161 19.39 8.41 7.19
N VAL A 162 18.46 7.99 8.05
CA VAL A 162 17.17 7.48 7.59
C VAL A 162 16.02 8.44 7.93
N ASN A 163 15.20 8.74 6.92
CA ASN A 163 14.02 9.57 7.12
C ASN A 163 12.84 8.75 7.64
N ILE A 164 12.55 8.90 8.93
CA ILE A 164 11.51 8.14 9.58
C ILE A 164 10.23 8.94 9.79
N GLY A 165 9.99 9.91 8.92
CA GLY A 165 8.83 10.78 9.04
C GLY A 165 7.51 10.04 8.94
N ASP A 166 7.41 9.15 7.95
CA ASP A 166 6.18 8.40 7.72
C ASP A 166 5.86 7.45 8.86
N GLU A 167 6.89 6.77 9.35
CA GLU A 167 6.73 5.84 10.47
C GLU A 167 6.27 6.58 11.72
N THR A 168 6.88 7.73 11.97
CA THR A 168 6.55 8.55 13.13
C THR A 168 5.13 9.09 13.06
N ARG A 169 4.73 9.57 11.88
CA ARG A 169 3.38 10.08 11.69
C ARG A 169 2.34 8.98 11.84
N GLY A 170 2.65 7.80 11.28
CA GLY A 170 1.77 6.66 11.39
C GLY A 170 1.57 6.24 12.83
N LEU A 171 2.68 6.11 13.56
CA LEU A 171 2.65 5.75 14.96
C LEU A 171 1.89 6.79 15.79
N GLU A 172 2.09 8.06 15.46
CA GLU A 172 1.44 9.15 16.18
C GLU A 172 -0.08 9.12 15.99
N LYS A 173 -0.50 9.07 14.74
CA LYS A 173 -1.94 9.01 14.41
C LYS A 173 -2.58 7.77 15.01
N ASP A 174 -1.86 6.66 14.99
CA ASP A 174 -2.34 5.43 15.61
C ASP A 174 -2.51 5.60 17.10
N LEU A 175 -1.56 6.28 17.73
CA LEU A 175 -1.61 6.51 19.17
C LEU A 175 -2.81 7.38 19.55
N LYS A 176 -3.04 8.44 18.78
CA LYS A 176 -4.20 9.30 19.03
C LYS A 176 -5.51 8.52 18.84
N TYR A 177 -5.59 7.78 17.74
CA TYR A 177 -6.78 6.99 17.41
C TYR A 177 -7.11 5.99 18.50
N LEU A 178 -6.12 5.18 18.87
CA LEU A 178 -6.28 4.18 19.91
C LEU A 178 -6.59 4.81 21.27
N ASP A 179 -5.96 5.94 21.56
CA ASP A 179 -6.22 6.65 22.81
C ASP A 179 -7.68 7.08 22.88
N ALA A 180 -8.19 7.58 21.77
CA ALA A 180 -9.61 7.93 21.68
C ALA A 180 -10.48 6.70 21.93
N LEU A 181 -10.23 5.65 21.15
CA LEU A 181 -10.97 4.40 21.26
C LEU A 181 -11.05 3.89 22.70
N MET A 182 -9.93 3.91 23.40
CA MET A 182 -9.88 3.47 24.78
C MET A 182 -10.62 4.44 25.69
N ASN A 183 -10.56 5.74 25.34
CA ASN A 183 -11.23 6.76 26.13
C ASN A 183 -12.75 6.60 26.11
N ILE A 184 -13.31 6.17 24.98
CA ILE A 184 -14.76 5.91 24.94
C ILE A 184 -15.09 4.49 25.38
N ARG A 185 -14.10 3.60 25.28
CA ARG A 185 -14.28 2.21 25.72
C ARG A 185 -14.40 2.15 27.23
N ARG A 186 -13.59 2.95 27.91
CA ARG A 186 -13.60 3.02 29.36
C ARG A 186 -14.89 3.63 29.89
N GLU A 187 -15.45 4.58 29.14
CA GLU A 187 -16.66 5.26 29.56
C GLU A 187 -17.90 4.40 29.31
N GLU A 188 -17.78 3.44 28.39
CA GLU A 188 -18.85 2.50 28.11
C GLU A 188 -18.26 1.15 27.69
N PRO A 189 -18.06 0.26 28.68
CA PRO A 189 -17.31 -1.01 28.55
C PRO A 189 -17.79 -1.96 27.45
N ASN A 190 -19.08 -2.28 27.41
CA ASN A 190 -19.56 -3.35 26.54
C ASN A 190 -20.19 -2.90 25.23
N LEU A 191 -19.72 -1.78 24.68
CA LEU A 191 -20.19 -1.33 23.38
C LEU A 191 -19.46 -2.04 22.25
N LEU A 192 -20.17 -2.26 21.14
CA LEU A 192 -19.55 -2.79 19.93
C LEU A 192 -18.51 -1.82 19.41
N TRP A 193 -17.42 -2.37 18.88
CA TRP A 193 -16.33 -1.54 18.34
C TRP A 193 -16.76 -0.55 17.25
N PRO A 194 -17.61 -0.96 16.28
CA PRO A 194 -18.01 0.01 15.27
C PRO A 194 -18.74 1.24 15.84
N ILE A 195 -19.53 1.03 16.89
CA ILE A 195 -20.25 2.12 17.52
C ILE A 195 -19.27 3.09 18.22
N ILE A 196 -18.28 2.51 18.89
CA ILE A 196 -17.25 3.31 19.55
C ILE A 196 -16.44 4.11 18.52
N MET A 197 -16.15 3.47 17.39
CA MET A 197 -15.44 4.11 16.30
C MET A 197 -16.28 5.22 15.67
N SER A 198 -17.60 5.07 15.76
CA SER A 198 -18.52 6.07 15.22
C SER A 198 -18.53 7.32 16.08
N ARG A 199 -18.05 7.18 17.31
CA ARG A 199 -18.00 8.30 18.25
C ARG A 199 -16.63 8.97 18.24
N VAL A 200 -15.71 8.40 17.46
CA VAL A 200 -14.36 8.95 17.34
C VAL A 200 -14.34 10.04 16.27
N ASP A 201 -13.80 11.21 16.62
CA ASP A 201 -13.66 12.29 15.67
C ASP A 201 -12.33 12.16 14.93
N LEU A 202 -12.30 11.26 13.95
CA LEU A 202 -11.09 10.98 13.20
C LEU A 202 -10.68 12.16 12.32
N PHE A 203 -11.68 12.95 11.93
CA PHE A 203 -11.47 14.13 11.11
C PHE A 203 -10.49 15.10 11.77
N SER A 204 -10.71 15.38 13.05
CA SER A 204 -9.85 16.30 13.79
C SER A 204 -8.43 15.73 13.92
N ILE A 205 -8.33 14.41 13.94
CA ILE A 205 -7.04 13.75 14.07
C ILE A 205 -6.23 13.84 12.78
N LEU A 206 -6.91 13.68 11.65
CA LEU A 206 -6.24 13.60 10.36
C LEU A 206 -6.07 14.96 9.67
N ALA A 207 -6.90 15.93 10.04
CA ALA A 207 -6.91 17.24 9.37
C ALA A 207 -5.63 18.03 9.60
N ASN A 208 -4.94 17.74 10.71
CA ASN A 208 -3.72 18.46 11.05
C ASN A 208 -2.51 17.99 10.26
N TYR A 209 -2.73 17.03 9.34
CA TYR A 209 -1.65 16.45 8.57
C TYR A 209 -1.75 16.80 7.09
N HIS A 210 -2.83 17.48 6.70
CA HIS A 210 -3.00 17.91 5.32
C HIS A 210 -2.03 19.06 5.02
N PRO A 211 -1.13 18.85 4.05
CA PRO A 211 -0.09 19.83 3.71
C PRO A 211 -0.64 21.13 3.12
N LYS A 212 -1.91 21.14 2.73
CA LYS A 212 -2.52 22.32 2.14
C LYS A 212 -3.46 23.04 3.11
N GLY A 213 -3.66 22.44 4.29
CA GLY A 213 -4.47 23.06 5.32
C GLY A 213 -5.74 22.29 5.65
N LYS A 214 -6.31 22.61 6.80
CA LYS A 214 -7.54 21.95 7.26
C LYS A 214 -8.74 22.39 6.44
N GLU A 215 -8.70 23.63 5.96
CA GLU A 215 -9.80 24.20 5.19
C GLU A 215 -10.01 23.43 3.89
N THR A 216 -8.91 23.08 3.23
CA THR A 216 -8.97 22.30 2.00
C THR A 216 -9.34 20.85 2.34
N PHE A 217 -8.80 20.36 3.44
CA PHE A 217 -9.08 19.02 3.93
C PHE A 217 -10.58 18.81 4.10
N LEU A 218 -11.26 19.84 4.59
CA LEU A 218 -12.70 19.76 4.82
C LEU A 218 -13.48 19.59 3.52
N LYS A 219 -13.17 20.41 2.53
CA LYS A 219 -13.88 20.38 1.25
C LYS A 219 -13.59 19.08 0.50
N GLU A 220 -12.33 18.69 0.46
CA GLU A 220 -11.94 17.43 -0.17
C GLU A 220 -12.65 16.27 0.52
N TYR A 221 -12.75 16.36 1.84
CA TYR A 221 -13.44 15.35 2.65
C TYR A 221 -14.91 15.25 2.27
N GLU A 222 -15.60 16.38 2.19
CA GLU A 222 -17.01 16.39 1.86
C GLU A 222 -17.27 15.85 0.46
N ASP A 223 -16.50 16.35 -0.52
CA ASP A 223 -16.64 15.89 -1.89
C ASP A 223 -16.37 14.39 -2.01
N THR A 224 -15.37 13.91 -1.28
CA THR A 224 -15.04 12.49 -1.29
C THR A 224 -16.14 11.68 -0.64
N VAL A 225 -16.78 12.24 0.39
CA VAL A 225 -17.88 11.57 1.07
C VAL A 225 -19.08 11.40 0.14
N LYS A 226 -19.43 12.49 -0.57
CA LYS A 226 -20.55 12.44 -1.50
C LYS A 226 -20.25 11.47 -2.65
N PHE A 227 -19.02 11.53 -3.13
CA PHE A 227 -18.54 10.64 -4.19
C PHE A 227 -18.71 9.18 -3.77
N LEU A 228 -18.22 8.88 -2.56
CA LEU A 228 -18.32 7.55 -1.99
C LEU A 228 -19.77 7.12 -1.85
N LYS A 229 -20.64 8.04 -1.42
CA LYS A 229 -22.07 7.75 -1.32
C LYS A 229 -22.64 7.33 -2.67
N THR A 230 -22.23 8.06 -3.70
CA THR A 230 -22.63 7.71 -5.06
C THR A 230 -22.16 6.30 -5.39
N PHE A 231 -20.94 5.97 -4.98
CA PHE A 231 -20.42 4.62 -5.21
C PHE A 231 -21.21 3.54 -4.48
N ILE A 232 -21.60 3.81 -3.24
CA ILE A 232 -22.32 2.84 -2.42
C ILE A 232 -23.73 2.62 -2.96
N SER A 233 -24.32 3.68 -3.52
CA SER A 233 -25.70 3.62 -4.01
C SER A 233 -25.91 2.59 -5.12
N SER A 234 -24.83 2.01 -5.62
CA SER A 234 -24.90 1.02 -6.69
C SER A 234 -25.65 -0.25 -6.28
N GLU A 235 -25.48 -0.65 -5.03
CA GLU A 235 -26.10 -1.87 -4.51
C GLU A 235 -27.63 -1.77 -4.53
N ALA A 236 -28.14 -0.62 -4.12
CA ALA A 236 -29.59 -0.39 -4.06
C ALA A 236 -30.21 -0.36 -5.45
N ILE A 237 -29.37 -0.19 -6.46
CA ILE A 237 -29.84 -0.10 -7.85
C ILE A 237 -29.75 -1.44 -8.56
N THR A 238 -28.60 -2.11 -8.44
CA THR A 238 -28.34 -3.32 -9.19
C THR A 238 -28.61 -4.59 -8.40
N GLY A 239 -28.68 -4.46 -7.08
CA GLY A 239 -28.96 -5.60 -6.22
C GLY A 239 -27.70 -6.25 -5.67
N LYS A 240 -26.59 -6.06 -6.38
CA LYS A 240 -25.30 -6.62 -5.95
C LYS A 240 -24.33 -5.50 -5.57
N LYS A 241 -23.47 -5.78 -4.61
CA LYS A 241 -22.47 -4.81 -4.16
C LYS A 241 -21.46 -4.53 -5.27
N PRO A 242 -21.02 -3.27 -5.38
CA PRO A 242 -20.09 -2.85 -6.43
C PRO A 242 -18.66 -3.40 -6.23
N ILE A 243 -17.76 -3.03 -7.14
CA ILE A 243 -16.39 -3.49 -7.11
C ILE A 243 -15.42 -2.34 -6.82
N PHE A 244 -14.49 -2.58 -5.90
CA PHE A 244 -13.51 -1.57 -5.52
C PHE A 244 -12.09 -2.03 -5.84
N ILE A 245 -11.35 -1.21 -6.57
CA ILE A 245 -9.98 -1.54 -6.95
C ILE A 245 -9.06 -0.35 -6.69
N THR A 246 -7.99 -0.57 -5.93
CA THR A 246 -7.14 0.53 -5.53
C THR A 246 -5.64 0.23 -5.62
N ASP A 247 -4.86 1.29 -5.67
CA ASP A 247 -3.41 1.21 -5.57
C ASP A 247 -3.03 1.39 -4.10
N TRP A 248 -1.82 0.99 -3.74
CA TRP A 248 -1.38 1.08 -2.35
C TRP A 248 -0.57 2.35 -2.10
N ASP A 249 0.70 2.32 -2.47
CA ASP A 249 1.61 3.44 -2.21
C ASP A 249 1.15 4.74 -2.86
N GLY A 250 0.97 5.76 -2.04
CA GLY A 250 0.56 7.07 -2.52
C GLY A 250 -0.94 7.22 -2.69
N THR A 251 -1.64 6.09 -2.63
CA THR A 251 -3.08 6.09 -2.84
C THR A 251 -3.85 5.81 -1.55
N MET A 252 -3.57 4.65 -0.95
CA MET A 252 -4.19 4.29 0.32
C MET A 252 -3.18 4.42 1.46
N LYS A 253 -1.95 4.72 1.09
CA LYS A 253 -0.86 4.82 2.07
C LYS A 253 0.09 5.95 1.69
N ASP A 254 0.45 6.78 2.66
CA ASP A 254 1.39 7.87 2.45
C ASP A 254 2.74 7.33 1.98
N TYR A 255 3.44 8.12 1.18
CA TYR A 255 4.74 7.69 0.67
C TYR A 255 5.78 7.56 1.78
N CYS A 256 6.57 6.50 1.71
CA CYS A 256 7.62 6.26 2.69
C CYS A 256 8.98 6.27 2.02
N SER A 257 10.00 6.76 2.73
CA SER A 257 11.34 6.85 2.19
C SER A 257 11.96 5.48 1.99
N GLN A 258 11.46 4.49 2.74
CA GLN A 258 11.95 3.12 2.62
C GLN A 258 10.78 2.16 2.45
N TYR A 259 10.87 1.29 1.44
CA TYR A 259 9.83 0.29 1.22
C TYR A 259 9.88 -0.78 2.30
N ALA A 260 11.06 -1.00 2.86
CA ALA A 260 11.27 -2.03 3.88
C ALA A 260 10.46 -1.73 5.14
N THR A 261 10.20 -0.45 5.40
CA THR A 261 9.45 -0.07 6.60
C THR A 261 8.22 0.78 6.26
N ASN A 262 7.69 0.60 5.06
CA ASN A 262 6.46 1.26 4.66
C ASN A 262 5.26 0.60 5.33
N LEU A 263 5.12 0.83 6.64
CA LEU A 263 4.14 0.11 7.44
C LEU A 263 2.77 0.81 7.48
N GLN A 264 1.71 0.04 7.27
CA GLN A 264 0.36 0.55 7.31
C GLN A 264 -0.11 0.75 8.75
N PRO A 265 -0.71 1.92 9.03
CA PRO A 265 -1.28 2.20 10.36
C PRO A 265 -2.54 1.39 10.64
N VAL A 266 -3.05 1.52 11.87
CA VAL A 266 -4.21 0.73 12.30
C VAL A 266 -5.53 1.28 11.75
N TYR A 267 -5.73 2.58 11.90
CA TYR A 267 -7.01 3.20 11.54
C TYR A 267 -7.36 3.00 10.06
N SER A 268 -6.34 3.09 9.21
CA SER A 268 -6.55 2.89 7.78
C SER A 268 -6.93 1.45 7.49
N ALA A 269 -6.29 0.52 8.20
CA ALA A 269 -6.58 -0.91 8.04
C ALA A 269 -8.02 -1.21 8.43
N VAL A 270 -8.42 -0.71 9.60
CA VAL A 270 -9.78 -0.89 10.08
C VAL A 270 -10.80 -0.31 9.11
N GLY A 271 -10.55 0.94 8.70
CA GLY A 271 -11.44 1.62 7.77
C GLY A 271 -11.60 0.90 6.46
N MET A 272 -10.48 0.51 5.86
CA MET A 272 -10.49 -0.19 4.57
C MET A 272 -11.20 -1.53 4.67
N THR A 273 -10.89 -2.28 5.73
CA THR A 273 -11.49 -3.60 5.90
C THR A 273 -13.00 -3.51 6.09
N ARG A 274 -13.43 -2.61 6.98
CA ARG A 274 -14.86 -2.39 7.21
C ARG A 274 -15.57 -1.96 5.94
N PHE A 275 -14.99 -0.99 5.24
CA PHE A 275 -15.57 -0.46 4.01
C PHE A 275 -15.71 -1.55 2.96
N ALA A 276 -14.65 -2.31 2.75
CA ALA A 276 -14.61 -3.38 1.76
C ALA A 276 -15.62 -4.47 2.08
N ALA A 277 -15.67 -4.88 3.33
CA ALA A 277 -16.56 -5.95 3.75
C ALA A 277 -18.02 -5.53 3.69
N SER A 278 -18.29 -4.27 4.03
CA SER A 278 -19.66 -3.79 4.15
C SER A 278 -20.27 -3.35 2.82
N PHE A 279 -19.47 -2.78 1.94
CA PHE A 279 -20.02 -2.12 0.76
C PHE A 279 -19.61 -2.71 -0.58
N THR A 280 -18.59 -3.55 -0.60
CA THR A 280 -18.09 -4.10 -1.86
C THR A 280 -18.24 -5.61 -1.93
N ARG A 281 -18.33 -6.13 -3.16
CA ARG A 281 -18.35 -7.58 -3.36
C ARG A 281 -16.97 -8.04 -3.80
N ILE A 282 -16.18 -7.11 -4.32
CA ILE A 282 -14.79 -7.37 -4.69
C ILE A 282 -13.92 -6.17 -4.35
N SER A 283 -12.88 -6.41 -3.56
CA SER A 283 -11.92 -5.36 -3.23
C SER A 283 -10.50 -5.85 -3.49
N ALA A 284 -9.80 -5.18 -4.39
CA ALA A 284 -8.48 -5.61 -4.82
C ALA A 284 -7.41 -4.55 -4.61
N VAL A 285 -6.19 -4.99 -4.29
CA VAL A 285 -5.06 -4.09 -4.11
C VAL A 285 -3.92 -4.48 -5.04
N LEU A 286 -3.57 -3.57 -5.95
CA LEU A 286 -2.51 -3.82 -6.93
C LEU A 286 -1.25 -3.03 -6.62
N THR A 287 -0.15 -3.74 -6.39
CA THR A 287 1.13 -3.11 -6.07
C THR A 287 2.21 -3.57 -7.05
N ALA A 288 3.34 -2.88 -7.03
CA ALA A 288 4.46 -3.26 -7.89
C ALA A 288 5.42 -4.19 -7.14
N GLY A 289 5.54 -3.97 -5.84
CA GLY A 289 6.41 -4.76 -5.00
C GLY A 289 5.90 -6.18 -4.82
N PRO A 290 6.73 -7.05 -4.24
CA PRO A 290 6.38 -8.46 -4.03
C PRO A 290 5.30 -8.65 -2.97
N LEU A 291 4.92 -9.91 -2.75
CA LEU A 291 3.94 -10.21 -1.71
C LEU A 291 4.60 -10.30 -0.34
N ARG A 292 5.77 -10.93 -0.29
CA ARG A 292 6.47 -11.12 0.98
C ARG A 292 7.99 -11.07 0.84
N GLY A 293 8.66 -10.98 1.99
CA GLY A 293 10.11 -11.05 2.07
C GLY A 293 11.01 -9.91 1.62
N PRO A 294 10.66 -8.65 1.93
CA PRO A 294 9.43 -8.10 2.51
C PRO A 294 8.47 -7.65 1.41
N GLY A 295 7.17 -7.83 1.63
CA GLY A 295 6.19 -7.44 0.63
C GLY A 295 4.97 -6.76 1.23
N ILE A 296 3.96 -6.57 0.39
CA ILE A 296 2.74 -5.88 0.80
C ILE A 296 2.06 -6.62 1.97
N LEU A 297 2.12 -7.94 1.95
CA LEU A 297 1.49 -8.74 3.00
C LEU A 297 2.16 -8.53 4.36
N ASP A 298 3.44 -8.15 4.32
CA ASP A 298 4.19 -7.91 5.55
C ASP A 298 4.00 -6.48 6.04
N LEU A 299 3.78 -5.56 5.11
CA LEU A 299 3.66 -4.14 5.43
C LEU A 299 2.24 -3.77 5.84
N THR A 300 1.27 -4.56 5.40
CA THR A 300 -0.13 -4.29 5.70
C THR A 300 -0.48 -4.68 7.12
N ALA A 301 -1.57 -4.11 7.64
CA ALA A 301 -2.07 -4.46 8.96
C ALA A 301 -3.50 -5.00 8.84
N MET A 302 -3.80 -5.57 7.68
CA MET A 302 -5.15 -6.02 7.36
C MET A 302 -5.25 -7.54 7.33
N PRO A 303 -6.45 -8.09 7.63
CA PRO A 303 -6.78 -9.51 7.65
C PRO A 303 -6.15 -10.37 6.55
N ILE A 304 -5.80 -9.77 5.41
CA ILE A 304 -5.19 -10.47 4.27
C ILE A 304 -6.13 -11.52 3.66
N ASP A 305 -6.64 -12.43 4.49
CA ASP A 305 -7.59 -13.44 4.01
C ASP A 305 -9.03 -12.97 4.19
N GLY A 306 -9.21 -11.67 4.36
CA GLY A 306 -10.52 -11.09 4.59
C GLY A 306 -11.19 -10.67 3.29
N PRO A 307 -11.89 -9.53 3.33
CA PRO A 307 -12.63 -9.00 2.18
C PRO A 307 -11.72 -8.37 1.11
N VAL A 308 -10.45 -8.16 1.45
CA VAL A 308 -9.52 -7.53 0.55
C VAL A 308 -8.48 -8.52 0.00
N MET A 309 -8.35 -8.55 -1.32
CA MET A 309 -7.37 -9.42 -1.98
C MET A 309 -6.12 -8.63 -2.35
N PHE A 310 -4.97 -9.10 -1.89
CA PHE A 310 -3.71 -8.41 -2.12
C PHE A 310 -2.91 -9.02 -3.26
N SER A 311 -2.27 -8.17 -4.05
CA SER A 311 -1.45 -8.62 -5.16
C SER A 311 -0.06 -8.00 -5.14
N GLY A 312 0.80 -8.51 -6.03
CA GLY A 312 2.15 -8.02 -6.20
C GLY A 312 2.58 -8.17 -7.65
N SER A 313 3.61 -7.41 -8.03
CA SER A 313 4.12 -7.39 -9.39
C SER A 313 3.03 -7.03 -10.39
N TRP A 314 2.30 -5.95 -10.09
CA TRP A 314 1.22 -5.45 -10.96
C TRP A 314 0.18 -6.52 -11.28
N GLY A 315 -0.09 -7.39 -10.31
CA GLY A 315 -1.11 -8.40 -10.48
C GLY A 315 -0.58 -9.74 -10.95
N ARG A 316 0.73 -9.84 -11.12
CA ARG A 316 1.34 -11.10 -11.55
C ARG A 316 1.28 -12.14 -10.43
N GLU A 317 1.22 -11.69 -9.19
CA GLU A 317 1.01 -12.61 -8.08
C GLU A 317 -0.14 -12.14 -7.19
N TRP A 318 -0.88 -13.08 -6.63
CA TRP A 318 -2.03 -12.78 -5.78
C TRP A 318 -2.04 -13.68 -4.56
N TRP A 319 -2.65 -13.20 -3.48
CA TRP A 319 -2.82 -14.06 -2.31
C TRP A 319 -4.29 -14.44 -2.11
N LEU A 320 -4.66 -15.63 -2.59
CA LEU A 320 -6.01 -16.17 -2.41
C LEU A 320 -6.04 -17.64 -2.83
N SER A 321 -6.67 -18.49 -2.02
CA SER A 321 -7.29 -18.08 -0.77
C SER A 321 -6.28 -18.13 0.37
N GLY A 322 -5.67 -19.30 0.55
CA GLY A 322 -4.63 -19.47 1.54
C GLY A 322 -3.28 -19.72 0.89
N LYS A 323 -3.26 -19.62 -0.44
CA LYS A 323 -2.03 -19.87 -1.19
C LYS A 323 -1.69 -18.71 -2.11
N ARG A 324 -0.51 -18.78 -2.71
CA ARG A 324 -0.02 -17.73 -3.60
C ARG A 324 -0.15 -18.15 -5.07
N VAL A 325 -0.86 -17.33 -5.84
CA VAL A 325 -1.07 -17.62 -7.26
C VAL A 325 -0.20 -16.72 -8.13
N VAL A 326 0.69 -17.33 -8.92
CA VAL A 326 1.62 -16.57 -9.75
C VAL A 326 1.34 -16.74 -11.24
N HIS A 327 1.18 -15.61 -11.94
CA HIS A 327 0.96 -15.64 -13.37
C HIS A 327 2.25 -15.32 -14.13
N GLN A 328 2.86 -16.35 -14.73
CA GLN A 328 4.07 -16.16 -15.53
C GLN A 328 3.71 -15.62 -16.91
N ASP A 329 2.88 -16.37 -17.63
CA ASP A 329 2.41 -15.99 -18.96
C ASP A 329 3.56 -15.78 -19.96
N GLY A 330 4.35 -14.73 -19.73
CA GLY A 330 5.45 -14.41 -20.62
C GLY A 330 6.77 -15.01 -20.22
N ILE A 331 7.08 -14.98 -18.93
CA ILE A 331 8.37 -15.46 -18.42
C ILE A 331 8.49 -16.97 -18.54
N THR A 332 9.65 -17.44 -18.96
CA THR A 332 9.92 -18.87 -19.07
C THR A 332 10.27 -19.48 -17.72
N ASP A 333 10.31 -20.80 -17.66
CA ASP A 333 10.64 -21.50 -16.42
C ASP A 333 12.12 -21.36 -16.07
N GLU A 334 12.95 -21.11 -17.08
CA GLU A 334 14.37 -20.91 -16.85
C GLU A 334 14.67 -19.44 -16.57
N GLY A 335 13.82 -18.55 -17.08
CA GLY A 335 13.90 -17.15 -16.73
C GLY A 335 13.53 -17.01 -15.27
N PHE A 336 12.48 -17.72 -14.88
CA PHE A 336 12.13 -17.90 -13.48
C PHE A 336 13.17 -18.80 -12.84
N ASN A 337 13.14 -18.92 -11.52
CA ASN A 337 14.11 -19.72 -10.76
C ASN A 337 15.54 -19.16 -10.83
N ALA A 338 15.93 -18.66 -12.00
CA ALA A 338 17.20 -17.96 -12.14
C ALA A 338 17.14 -16.66 -11.36
N LEU A 339 15.98 -16.01 -11.39
CA LEU A 339 15.72 -14.83 -10.57
C LEU A 339 15.77 -15.20 -9.10
N GLN A 340 15.34 -16.43 -8.80
CA GLN A 340 15.38 -16.94 -7.43
C GLN A 340 16.82 -17.16 -6.99
N ARG A 341 17.63 -17.71 -7.89
CA ARG A 341 19.05 -17.93 -7.62
C ARG A 341 19.78 -16.61 -7.39
N LEU A 342 19.49 -15.62 -8.23
CA LEU A 342 20.06 -14.29 -8.07
C LEU A 342 19.62 -13.66 -6.74
N ASP A 343 18.36 -13.89 -6.40
CA ASP A 343 17.81 -13.40 -5.13
C ASP A 343 18.57 -14.01 -3.96
N ASP A 344 18.89 -15.29 -4.08
CA ASP A 344 19.72 -15.97 -3.09
C ASP A 344 21.11 -15.36 -3.06
N GLU A 345 21.59 -14.91 -4.23
CA GLU A 345 22.90 -14.28 -4.33
C GLU A 345 22.88 -12.84 -3.84
N MET A 346 21.70 -12.32 -3.53
CA MET A 346 21.57 -10.97 -2.99
C MET A 346 21.34 -10.93 -1.49
N LYS A 347 20.48 -11.83 -1.01
CA LYS A 347 20.11 -11.86 0.40
C LYS A 347 21.31 -12.06 1.31
N ASP A 348 22.33 -12.77 0.81
CA ASP A 348 23.55 -12.98 1.57
C ASP A 348 24.45 -11.75 1.49
N LEU A 349 24.36 -11.04 0.37
CA LEU A 349 25.09 -9.78 0.21
C LEU A 349 24.54 -8.72 1.15
N LEU A 350 23.25 -8.79 1.44
CA LEU A 350 22.64 -7.86 2.38
C LEU A 350 23.14 -8.13 3.81
N HIS A 351 23.51 -9.38 4.07
CA HIS A 351 23.98 -9.78 5.39
C HIS A 351 25.37 -9.22 5.72
N THR A 352 26.10 -8.84 4.68
CA THR A 352 27.42 -8.23 4.85
C THR A 352 27.30 -6.77 5.25
N SER A 353 28.32 -5.98 4.93
CA SER A 353 28.32 -4.56 5.27
C SER A 353 29.35 -3.79 4.45
N PRO A 357 26.73 -2.87 1.72
CA PRO A 357 25.50 -3.05 0.94
C PRO A 357 24.26 -3.19 1.81
N PHE A 358 23.30 -2.28 1.64
CA PHE A 358 22.08 -2.30 2.43
C PHE A 358 20.83 -2.20 1.57
N ALA A 359 19.70 -2.59 2.14
CA ALA A 359 18.43 -2.60 1.42
C ALA A 359 17.42 -1.63 2.01
N LEU A 360 17.93 -0.57 2.64
CA LEU A 360 17.06 0.48 3.16
C LEU A 360 17.06 1.68 2.22
N VAL A 361 17.56 1.45 1.00
CA VAL A 361 17.62 2.49 -0.02
C VAL A 361 16.40 2.42 -0.93
N GLY A 362 15.45 3.33 -0.70
CA GLY A 362 14.23 3.38 -1.50
C GLY A 362 13.49 2.07 -1.52
N SER A 363 13.54 1.38 -2.66
CA SER A 363 12.89 0.09 -2.81
C SER A 363 13.66 -0.98 -2.05
N GLY A 364 14.99 -0.98 -2.21
CA GLY A 364 15.84 -1.92 -1.51
C GLY A 364 15.63 -3.36 -1.95
N VAL A 365 16.26 -3.72 -3.07
CA VAL A 365 16.18 -5.04 -3.71
C VAL A 365 14.85 -5.79 -3.53
N GLN A 366 13.99 -5.70 -4.53
CA GLN A 366 12.69 -6.36 -4.50
C GLN A 366 12.62 -7.50 -5.50
N ARG A 367 12.10 -8.63 -5.05
CA ARG A 367 11.92 -9.81 -5.89
C ARG A 367 10.53 -9.82 -6.50
N LYS A 368 10.41 -9.22 -7.68
CA LYS A 368 9.15 -9.23 -8.42
C LYS A 368 9.14 -10.42 -9.38
N VAL A 369 7.93 -10.92 -9.66
CA VAL A 369 7.73 -12.14 -10.44
C VAL A 369 8.63 -12.25 -11.68
N ASP A 370 8.80 -11.13 -12.38
CA ASP A 370 9.56 -11.16 -13.63
C ASP A 370 10.92 -10.48 -13.53
N ARG A 371 11.21 -9.84 -12.41
CA ARG A 371 12.43 -9.03 -12.33
C ARG A 371 12.89 -8.75 -10.90
N LEU A 372 14.11 -8.23 -10.77
CA LEU A 372 14.62 -7.78 -9.48
C LEU A 372 14.89 -6.29 -9.53
N THR A 373 14.29 -5.54 -8.60
CA THR A 373 14.46 -4.09 -8.60
C THR A 373 15.23 -3.61 -7.37
N LEU A 374 16.51 -3.31 -7.56
CA LEU A 374 17.36 -2.87 -6.45
C LEU A 374 17.50 -1.36 -6.41
N GLY A 375 17.46 -0.80 -5.19
CA GLY A 375 17.70 0.61 -4.99
C GLY A 375 19.15 0.83 -4.62
N VAL A 376 19.92 1.41 -5.54
CA VAL A 376 21.36 1.54 -5.35
C VAL A 376 21.77 2.95 -4.91
N GLN A 377 20.90 3.93 -5.15
CA GLN A 377 21.22 5.31 -4.81
C GLN A 377 19.98 6.06 -4.31
N THR A 378 20.19 6.96 -3.36
CA THR A 378 19.11 7.77 -2.81
C THR A 378 19.25 9.22 -3.23
N VAL A 379 18.11 9.86 -3.53
CA VAL A 379 18.08 11.30 -3.77
C VAL A 379 18.04 12.02 -2.43
N CYS A 380 18.91 12.99 -2.21
CA CYS A 380 19.86 13.48 -3.21
C CYS A 380 21.10 12.61 -3.32
N HIS A 381 21.76 12.37 -2.20
CA HIS A 381 22.96 11.55 -2.21
C HIS A 381 23.26 10.90 -0.86
N HIS A 382 22.26 10.26 -0.28
CA HIS A 382 22.50 9.38 0.86
C HIS A 382 23.31 8.19 0.35
N VAL A 383 24.22 7.70 1.19
CA VAL A 383 25.21 6.68 0.81
C VAL A 383 26.19 7.25 -0.23
N THR A 384 27.47 6.90 -0.09
CA THR A 384 28.52 7.44 -0.94
C THR A 384 28.35 7.04 -2.41
N SER A 385 28.97 7.81 -3.30
CA SER A 385 28.88 7.56 -4.73
C SER A 385 29.72 6.37 -5.15
N GLU A 386 30.59 5.89 -4.26
CA GLU A 386 31.49 4.79 -4.57
C GLU A 386 30.90 3.46 -4.14
N LEU A 387 30.32 3.44 -2.95
CA LEU A 387 29.69 2.24 -2.41
C LEU A 387 28.55 1.77 -3.31
N SER A 388 27.89 2.72 -3.96
CA SER A 388 26.83 2.40 -4.91
C SER A 388 27.41 1.67 -6.12
N ASN A 389 28.56 2.16 -6.59
CA ASN A 389 29.23 1.52 -7.72
C ASN A 389 29.70 0.11 -7.37
N ARG A 390 30.29 -0.03 -6.18
CA ARG A 390 30.71 -1.35 -5.71
C ARG A 390 29.50 -2.28 -5.61
N TYR A 391 28.38 -1.72 -5.16
CA TYR A 391 27.12 -2.44 -5.04
C TYR A 391 26.67 -2.99 -6.40
N GLN A 392 26.58 -2.08 -7.38
CA GLN A 392 26.12 -2.45 -8.72
C GLN A 392 27.05 -3.45 -9.40
N MET A 393 28.36 -3.26 -9.23
CA MET A 393 29.34 -4.17 -9.81
C MET A 393 29.24 -5.55 -9.18
N ALA A 394 29.04 -5.58 -7.86
CA ALA A 394 28.86 -6.84 -7.14
C ALA A 394 27.59 -7.54 -7.62
N VAL A 395 26.56 -6.77 -7.91
CA VAL A 395 25.31 -7.31 -8.46
C VAL A 395 25.56 -7.92 -9.86
N LYS A 396 26.33 -7.20 -10.67
CA LYS A 396 26.67 -7.68 -12.00
C LYS A 396 27.48 -8.98 -11.94
N GLU A 397 28.31 -9.09 -10.90
CA GLU A 397 29.11 -10.29 -10.69
C GLU A 397 28.23 -11.50 -10.37
N ARG A 398 27.19 -11.28 -9.59
CA ARG A 398 26.34 -12.37 -9.10
C ARG A 398 25.30 -12.81 -10.12
N MET A 399 25.50 -12.42 -11.38
CA MET A 399 24.60 -12.83 -12.45
C MET A 399 25.05 -14.16 -13.06
N HIS A 400 25.58 -15.03 -12.22
CA HIS A 400 25.99 -16.36 -12.64
C HIS A 400 26.10 -17.31 -11.44
N ASN A 405 28.29 -16.38 -20.71
CA ASN A 405 26.86 -16.54 -20.47
C ASN A 405 26.46 -16.14 -19.04
N SER A 406 25.33 -15.44 -18.82
CA SER A 406 24.32 -14.99 -19.81
C SER A 406 23.79 -16.08 -20.76
N GLN A 407 22.94 -17.03 -20.34
CA GLN A 407 22.06 -17.06 -19.15
C GLN A 407 21.01 -15.96 -19.20
N ILE A 408 19.76 -16.37 -19.40
CA ILE A 408 18.65 -15.48 -19.73
C ILE A 408 18.33 -14.49 -18.58
N LEU A 409 19.25 -13.56 -18.36
CA LEU A 409 19.04 -12.49 -17.40
C LEU A 409 19.59 -11.18 -17.95
N VAL A 410 18.71 -10.22 -18.18
CA VAL A 410 19.10 -8.95 -18.79
C VAL A 410 19.26 -7.84 -17.74
N PHE A 411 20.41 -7.20 -17.76
CA PHE A 411 20.70 -6.09 -16.85
C PHE A 411 20.10 -4.80 -17.40
N ASP A 412 19.74 -3.89 -16.50
CA ASP A 412 19.13 -2.63 -16.89
C ASP A 412 19.45 -1.54 -15.87
N PRO A 413 20.30 -0.58 -16.25
CA PRO A 413 20.68 0.56 -15.41
C PRO A 413 19.47 1.41 -15.01
N SER A 414 18.48 1.45 -15.89
CA SER A 414 17.24 2.20 -15.65
C SER A 414 17.50 3.66 -15.31
N THR A 415 17.47 3.98 -14.01
CA THR A 415 17.67 5.34 -13.55
C THR A 415 18.92 5.47 -12.71
N GLU A 416 19.13 6.65 -12.14
CA GLU A 416 20.28 6.92 -11.30
C GLU A 416 20.07 6.37 -9.89
N LEU A 417 18.81 6.12 -9.54
CA LEU A 417 18.46 5.67 -8.20
C LEU A 417 18.16 4.17 -8.16
N GLU A 418 17.49 3.68 -9.19
CA GLU A 418 17.09 2.29 -9.25
C GLU A 418 17.89 1.49 -10.26
N VAL A 419 17.73 0.17 -10.22
CA VAL A 419 18.36 -0.72 -11.19
C VAL A 419 17.54 -2.00 -11.27
N GLU A 420 17.46 -2.60 -12.46
CA GLU A 420 16.61 -3.78 -12.64
C GLU A 420 17.30 -4.93 -13.36
N VAL A 421 16.92 -6.15 -12.98
CA VAL A 421 17.37 -7.35 -13.67
C VAL A 421 16.15 -8.15 -14.13
N VAL A 422 15.93 -8.16 -15.44
CA VAL A 422 14.68 -8.70 -15.99
C VAL A 422 14.89 -10.03 -16.73
N ALA A 423 13.86 -10.88 -16.71
CA ALA A 423 13.88 -12.12 -17.47
C ALA A 423 13.39 -11.89 -18.89
N HIS A 424 12.13 -12.27 -19.16
CA HIS A 424 11.48 -11.97 -20.44
C HIS A 424 12.28 -12.71 -21.57
N ASN A 425 12.15 -12.43 -22.88
CA ASN A 425 11.48 -11.30 -23.54
C ASN A 425 10.09 -11.57 -24.11
N SER A 426 9.79 -12.84 -24.34
CA SER A 426 8.46 -13.20 -24.85
C SER A 426 7.39 -12.82 -23.83
N GLY A 427 6.38 -12.09 -24.28
CA GLY A 427 5.33 -11.65 -23.39
C GLY A 427 4.43 -10.59 -24.01
N ILE A 428 3.70 -9.87 -23.17
CA ILE A 428 2.76 -8.85 -23.63
C ILE A 428 2.95 -7.53 -22.90
N ILE A 429 4.07 -7.40 -22.17
CA ILE A 429 4.35 -6.24 -21.33
C ILE A 429 3.22 -6.05 -20.32
N TRP A 430 3.32 -6.75 -19.20
CA TRP A 430 2.27 -6.78 -18.19
C TRP A 430 2.08 -5.44 -17.49
N ASN A 431 0.83 -5.08 -17.25
CA ASN A 431 0.49 -3.88 -16.49
C ASN A 431 -0.63 -4.18 -15.50
N LYS A 432 -1.04 -3.18 -14.73
CA LYS A 432 -2.06 -3.37 -13.69
C LYS A 432 -3.41 -3.74 -14.30
N GLY A 433 -3.65 -3.29 -15.53
CA GLY A 433 -4.86 -3.63 -16.25
C GLY A 433 -4.97 -5.14 -16.43
N ASN A 434 -3.85 -5.76 -16.77
CA ASN A 434 -3.81 -7.21 -16.93
C ASN A 434 -4.06 -7.92 -15.62
N GLY A 435 -3.58 -7.34 -14.53
CA GLY A 435 -3.80 -7.90 -13.21
C GLY A 435 -5.26 -7.88 -12.83
N VAL A 436 -5.90 -6.72 -13.04
CA VAL A 436 -7.33 -6.58 -12.78
C VAL A 436 -8.13 -7.56 -13.63
N GLU A 437 -7.85 -7.57 -14.93
CA GLU A 437 -8.55 -8.44 -15.87
C GLU A 437 -8.43 -9.92 -15.47
N ARG A 438 -7.21 -10.36 -15.21
CA ARG A 438 -6.94 -11.75 -14.85
C ARG A 438 -7.61 -12.11 -13.53
N LEU A 439 -7.58 -11.19 -12.57
CA LEU A 439 -8.22 -11.42 -11.28
C LEU A 439 -9.73 -11.60 -11.43
N ILE A 440 -10.37 -10.64 -12.11
CA ILE A 440 -11.81 -10.68 -12.28
C ILE A 440 -12.24 -11.92 -13.06
N LYS A 441 -11.47 -12.27 -14.09
CA LYS A 441 -11.74 -13.49 -14.85
C LYS A 441 -11.59 -14.73 -13.98
N SER A 442 -10.61 -14.72 -13.08
CA SER A 442 -10.34 -15.85 -12.22
C SER A 442 -11.43 -16.06 -11.16
N LEU A 443 -11.94 -14.94 -10.63
CA LEU A 443 -12.95 -15.00 -9.58
C LEU A 443 -14.32 -15.41 -10.11
N GLY A 444 -14.52 -15.24 -11.42
CA GLY A 444 -15.78 -15.58 -12.03
C GLY A 444 -16.77 -14.42 -12.03
N ASP A 445 -16.26 -13.22 -11.77
CA ASP A 445 -17.09 -12.02 -11.80
C ASP A 445 -16.84 -11.27 -13.11
N SER A 446 -17.43 -10.08 -13.23
CA SER A 446 -17.30 -9.30 -14.46
C SER A 446 -17.40 -7.79 -14.18
N LEU A 447 -16.62 -7.02 -14.92
CA LEU A 447 -16.68 -5.56 -14.83
C LEU A 447 -17.77 -5.02 -15.75
N GLN A 448 -18.22 -5.86 -16.67
CA GLN A 448 -19.24 -5.47 -17.63
C GLN A 448 -20.63 -5.38 -17.00
N SER A 449 -20.84 -6.17 -15.95
CA SER A 449 -22.12 -6.22 -15.25
C SER A 449 -22.51 -4.82 -14.76
N PRO A 450 -23.76 -4.42 -15.02
CA PRO A 450 -24.27 -3.09 -14.66
C PRO A 450 -24.04 -2.79 -13.18
N GLY A 451 -23.34 -1.69 -12.91
CA GLY A 451 -22.98 -1.31 -11.55
C GLY A 451 -21.79 -0.40 -11.56
N LYS A 452 -21.56 0.28 -10.45
CA LYS A 452 -20.48 1.25 -10.36
C LYS A 452 -19.15 0.60 -9.96
N ILE A 453 -18.06 1.18 -10.46
CA ILE A 453 -16.72 0.68 -10.16
C ILE A 453 -15.82 1.80 -9.68
N LEU A 454 -15.32 1.68 -8.45
CA LEU A 454 -14.44 2.69 -7.89
C LEU A 454 -12.98 2.30 -8.05
N ILE A 455 -12.20 3.16 -8.68
CA ILE A 455 -10.79 2.91 -8.89
C ILE A 455 -9.94 4.04 -8.30
N CYS A 456 -8.99 3.67 -7.46
CA CYS A 456 -8.15 4.65 -6.79
C CYS A 456 -6.68 4.50 -7.21
N GLY A 457 -6.03 5.62 -7.46
CA GLY A 457 -4.63 5.61 -7.88
C GLY A 457 -3.91 6.90 -7.54
N ASP A 458 -2.62 6.96 -7.83
CA ASP A 458 -1.82 8.14 -7.54
C ASP A 458 -0.83 8.45 -8.66
N THR A 459 -0.49 7.44 -9.45
CA THR A 459 0.47 7.62 -10.53
C THR A 459 -0.12 7.23 -11.89
N LEU A 460 0.70 7.31 -12.92
CA LEU A 460 0.28 6.99 -14.27
C LEU A 460 0.07 5.48 -14.45
N SER A 461 0.80 4.68 -13.69
CA SER A 461 0.70 3.22 -13.79
C SER A 461 -0.68 2.72 -13.36
N ASP A 462 -1.47 3.60 -12.73
CA ASP A 462 -2.80 3.25 -12.29
C ASP A 462 -3.85 3.55 -13.37
N ILE A 463 -3.45 4.30 -14.39
CA ILE A 463 -4.33 4.60 -15.52
C ILE A 463 -4.85 3.35 -16.26
N PRO A 464 -3.98 2.34 -16.51
CA PRO A 464 -4.51 1.12 -17.13
C PRO A 464 -5.71 0.52 -16.41
N MET A 465 -5.66 0.46 -15.08
CA MET A 465 -6.78 -0.06 -14.28
C MET A 465 -8.07 0.65 -14.67
N VAL A 466 -8.00 1.97 -14.76
CA VAL A 466 -9.14 2.77 -15.21
C VAL A 466 -9.52 2.40 -16.63
N ARG A 467 -8.53 2.37 -17.52
CA ARG A 467 -8.73 2.07 -18.94
C ARG A 467 -9.57 0.82 -19.12
N GLN A 468 -9.04 -0.30 -18.66
CA GLN A 468 -9.75 -1.58 -18.67
C GLN A 468 -11.18 -1.41 -18.20
N ALA A 469 -11.36 -0.74 -17.06
CA ALA A 469 -12.69 -0.57 -16.49
C ALA A 469 -13.63 0.15 -17.45
N VAL A 470 -13.16 1.24 -18.06
CA VAL A 470 -14.02 2.02 -18.94
C VAL A 470 -14.20 1.30 -20.26
N LYS A 471 -13.40 0.26 -20.48
CA LYS A 471 -13.57 -0.59 -21.65
C LYS A 471 -14.71 -1.57 -21.40
N GLN A 472 -14.97 -1.84 -20.12
CA GLN A 472 -15.98 -2.82 -19.74
C GLN A 472 -17.27 -2.17 -19.26
N ASN A 473 -17.15 -1.04 -18.56
CA ASN A 473 -18.31 -0.40 -17.95
C ASN A 473 -18.26 1.12 -18.06
N PRO A 474 -18.60 1.67 -19.23
CA PRO A 474 -18.57 3.12 -19.45
C PRO A 474 -19.83 3.83 -18.98
N ASP A 475 -20.27 3.54 -17.76
CA ASP A 475 -21.49 4.17 -17.23
C ASP A 475 -21.28 5.03 -15.96
N GLY A 476 -20.61 4.56 -14.92
CA GLY A 476 -20.01 3.24 -14.81
C GLY A 476 -18.81 3.21 -13.89
N VAL A 477 -17.74 3.90 -14.30
CA VAL A 477 -16.50 3.91 -13.54
C VAL A 477 -16.33 5.20 -12.76
N LEU A 478 -16.01 5.06 -11.46
CA LEU A 478 -15.68 6.21 -10.63
C LEU A 478 -14.20 6.15 -10.27
N ALA A 479 -13.53 7.30 -10.29
CA ALA A 479 -12.09 7.34 -10.04
C ALA A 479 -11.72 8.38 -8.98
N ILE A 480 -10.91 7.95 -8.02
CA ILE A 480 -10.35 8.84 -7.02
C ILE A 480 -8.84 8.84 -7.10
N PHE A 481 -8.24 9.97 -7.44
CA PHE A 481 -6.79 10.04 -7.55
C PHE A 481 -6.18 10.94 -6.47
N VAL A 482 -5.06 10.48 -5.92
CA VAL A 482 -4.42 11.14 -4.78
C VAL A 482 -3.13 11.84 -5.17
N GLY A 483 -3.06 13.14 -4.89
CA GLY A 483 -1.87 13.92 -5.15
C GLY A 483 -1.43 13.89 -6.60
N ALA A 484 -2.39 13.96 -7.51
CA ALA A 484 -2.11 13.88 -8.94
C ALA A 484 -1.79 15.25 -9.51
N LYS A 485 -0.72 15.31 -10.31
CA LYS A 485 -0.37 16.55 -11.00
C LYS A 485 -1.41 16.87 -12.08
N MET A 486 -1.37 18.11 -12.57
CA MET A 486 -2.35 18.59 -13.53
C MET A 486 -2.49 17.69 -14.76
N SER A 487 -1.35 17.28 -15.32
CA SER A 487 -1.33 16.42 -16.49
C SER A 487 -2.00 15.07 -16.23
N LEU A 488 -1.71 14.50 -15.05
CA LEU A 488 -2.30 13.23 -14.67
C LEU A 488 -3.81 13.35 -14.48
N ARG A 489 -4.23 14.43 -13.82
CA ARG A 489 -5.64 14.70 -13.62
C ARG A 489 -6.36 14.79 -14.96
N GLU A 490 -5.76 15.51 -15.91
CA GLU A 490 -6.34 15.63 -17.23
C GLU A 490 -6.37 14.30 -17.97
N GLU A 491 -5.37 13.47 -17.73
CA GLU A 491 -5.33 12.15 -18.34
C GLU A 491 -6.45 11.27 -17.81
N VAL A 492 -6.70 11.36 -16.51
CA VAL A 492 -7.81 10.65 -15.88
C VAL A 492 -9.14 11.15 -16.45
N LYS A 493 -9.25 12.47 -16.60
CA LYS A 493 -10.44 13.07 -17.20
C LYS A 493 -10.59 12.66 -18.66
N GLN A 494 -9.50 12.22 -19.27
CA GLN A 494 -9.51 11.83 -20.68
C GLN A 494 -9.93 10.38 -20.87
N VAL A 495 -9.39 9.49 -20.04
CA VAL A 495 -9.71 8.08 -20.13
C VAL A 495 -11.20 7.83 -19.86
N ILE A 496 -11.73 8.48 -18.84
CA ILE A 496 -13.16 8.42 -18.55
C ILE A 496 -13.87 9.54 -19.28
N GLY A 497 -15.18 9.39 -19.48
CA GLY A 497 -15.97 10.45 -20.08
C GLY A 497 -16.01 11.65 -19.15
N ASP A 498 -16.76 11.52 -18.07
CA ASP A 498 -16.77 12.51 -17.00
C ASP A 498 -15.42 12.47 -16.29
N GLU A 499 -14.84 13.56 -15.73
CA GLU A 499 -15.38 14.89 -15.38
C GLU A 499 -16.19 14.84 -14.08
N SER A 500 -17.50 14.65 -14.18
CA SER A 500 -18.34 14.55 -12.98
C SER A 500 -18.03 13.27 -12.19
N ARG A 501 -17.56 12.25 -12.88
CA ARG A 501 -17.24 10.97 -12.24
C ARG A 501 -15.78 10.91 -11.80
N CYS A 502 -15.15 12.08 -11.70
CA CYS A 502 -13.76 12.16 -11.25
C CYS A 502 -13.64 12.89 -9.93
N CYS A 503 -12.83 12.36 -9.03
CA CYS A 503 -12.62 12.96 -7.73
C CYS A 503 -11.13 13.04 -7.40
N PHE A 504 -10.65 14.25 -7.13
CA PHE A 504 -9.22 14.44 -6.85
C PHE A 504 -8.97 14.96 -5.45
N VAL A 505 -8.15 14.24 -4.70
CA VAL A 505 -7.76 14.64 -3.35
C VAL A 505 -6.25 14.83 -3.28
N SER A 506 -5.77 15.26 -2.12
CA SER A 506 -4.35 15.54 -1.94
C SER A 506 -3.64 14.46 -1.15
N CYS A 507 -4.37 13.79 -0.27
CA CYS A 507 -3.78 12.76 0.59
C CYS A 507 -4.79 11.64 0.89
N PRO A 508 -4.27 10.41 1.12
CA PRO A 508 -5.10 9.23 1.40
C PRO A 508 -6.01 9.38 2.62
N ASP A 509 -5.58 10.18 3.59
CA ASP A 509 -6.34 10.40 4.81
C ASP A 509 -7.72 10.99 4.54
N VAL A 510 -7.85 11.69 3.42
CA VAL A 510 -9.15 12.19 2.99
C VAL A 510 -10.08 11.02 2.68
N ILE A 511 -9.56 10.06 1.91
CA ILE A 511 -10.30 8.86 1.58
C ILE A 511 -10.65 8.08 2.83
N HIS A 512 -9.68 7.94 3.73
CA HIS A 512 -9.88 7.21 4.97
C HIS A 512 -10.98 7.82 5.83
N ALA A 513 -10.90 9.12 6.06
CA ALA A 513 -11.89 9.84 6.84
C ALA A 513 -13.28 9.74 6.19
N ALA A 514 -13.30 9.87 4.86
CA ALA A 514 -14.56 9.76 4.12
C ALA A 514 -15.19 8.39 4.32
N MET A 515 -14.38 7.34 4.21
CA MET A 515 -14.85 5.98 4.41
C MET A 515 -15.37 5.78 5.83
N SER A 516 -14.65 6.32 6.80
CA SER A 516 -15.07 6.24 8.19
C SER A 516 -16.43 6.91 8.39
N GLN A 517 -16.63 8.05 7.73
CA GLN A 517 -17.91 8.74 7.80
C GLN A 517 -19.03 7.91 7.17
N ILE A 518 -18.76 7.32 6.02
CA ILE A 518 -19.72 6.45 5.35
C ILE A 518 -20.13 5.30 6.25
N LEU A 519 -19.15 4.70 6.92
CA LEU A 519 -19.40 3.63 7.87
C LEU A 519 -20.27 4.13 9.02
N ASN A 520 -19.95 5.31 9.52
CA ASN A 520 -20.71 5.91 10.63
C ASN A 520 -22.16 6.21 10.25
N GLU A 521 -22.40 6.50 8.98
CA GLU A 521 -23.74 6.86 8.54
C GLU A 521 -24.60 5.66 8.16
N HIS A 522 -24.01 4.70 7.45
CA HIS A 522 -24.79 3.60 6.89
C HIS A 522 -24.74 2.32 7.74
N CYS A 523 -23.59 2.06 8.35
CA CYS A 523 -23.43 0.85 9.16
C CYS A 523 -23.82 1.06 10.62
N ILE A 524 -23.85 2.33 11.05
CA ILE A 524 -24.18 2.65 12.43
C ILE A 524 -25.49 3.40 12.54
N GLY A 525 -25.62 4.47 11.76
CA GLY A 525 -26.82 5.28 11.78
C GLY A 525 -26.71 6.44 12.75
#